data_5AMO
#
_entry.id   5AMO
#
_cell.length_a   160.220
_cell.length_b   43.940
_cell.length_c   104.060
_cell.angle_alpha   90.00
_cell.angle_beta   114.17
_cell.angle_gamma   90.00
#
_symmetry.space_group_name_H-M   'C 1 2 1'
#
loop_
_entity.id
_entity.type
_entity.pdbx_description
1 polymer NOELIN
2 branched 2-acetamido-2-deoxy-beta-D-glucopyranose-(1-4)-2-acetamido-2-deoxy-beta-D-glucopyranose
3 non-polymer 2-acetamido-2-deoxy-beta-D-glucopyranose
4 non-polymer GLYCEROL
5 non-polymer 'CHLORIDE ION'
6 water water
#
_entity_poly.entity_id   1
_entity_poly.type   'polypeptide(L)'
_entity_poly.pdbx_seq_one_letter_code
;MITNWMSQTLPSLVGLNTTRLSAASGGTLDRSTGVLPTNPEESWQVYSSAQDSEGRCICTVVAPQQTMCSRDARTKQLRQ
LLEKVQNMSQSIEVLDRRTQRDLQYVEKMENQMKGLETKFKQVEESHKQHLARQFKAIKAKMDELRPLIPVLEEYKADAK
LVLQFKEEVQNLTSVLNELQEEIGAYDYDELQSRVSNLEERLRACMQKLACGKLTGISDPVTVKTSGSRFGSWMTDPLAP
EGDNRVWYMDGYHNNRFVREYKSMVDFMNTDNFTSHRLPHPWSGTGQVVYNGSIYFNKFQSHIIIRFDLKTETILKTRSL
DYAGYNNMYHYAWGGHSDIDLMVDENGLWAVYATNQNAGNIVISKLDPVSLQILQTWNTSYPKRSAGEAFIICGTLYVTN
GYSGGTKVHYAYQTNASTYEYIDIPFQNKYSHISMLDYNPKDRALYAWNNGHQTLYNVTLFHAAAHHHHHH
;
_entity_poly.pdbx_strand_id   A,B
#
loop_
_chem_comp.id
_chem_comp.type
_chem_comp.name
_chem_comp.formula
CL non-polymer 'CHLORIDE ION' 'Cl -1'
GOL non-polymer GLYCEROL 'C3 H8 O3'
NAG D-saccharide, beta linking 2-acetamido-2-deoxy-beta-D-glucopyranose 'C8 H15 N O6'
#
# COMPACT_ATOMS: atom_id res chain seq x y z
N VAL A 195 10.54 -10.80 -15.08
CA VAL A 195 9.12 -10.78 -15.41
C VAL A 195 8.30 -11.52 -14.36
N SER A 196 8.51 -12.84 -14.27
CA SER A 196 7.79 -13.68 -13.32
C SER A 196 8.05 -13.26 -11.88
N ASN A 197 9.25 -12.74 -11.62
CA ASN A 197 9.59 -12.23 -10.30
C ASN A 197 8.86 -10.92 -10.00
N LEU A 198 8.83 -10.03 -10.99
CA LEU A 198 8.18 -8.73 -10.84
C LEU A 198 6.67 -8.88 -10.72
N GLU A 199 6.11 -9.87 -11.41
CA GLU A 199 4.68 -10.15 -11.34
C GLU A 199 4.29 -10.56 -9.93
N GLU A 200 5.18 -11.25 -9.24
CA GLU A 200 4.93 -11.71 -7.88
C GLU A 200 5.18 -10.58 -6.87
N ARG A 201 6.19 -9.77 -7.14
CA ARG A 201 6.50 -8.63 -6.27
C ARG A 201 5.41 -7.56 -6.38
N LEU A 202 4.80 -7.45 -7.55
CA LEU A 202 3.71 -6.51 -7.75
C LEU A 202 2.47 -6.95 -6.99
N ARG A 203 2.15 -8.23 -7.08
CA ARG A 203 1.01 -8.80 -6.37
C ARG A 203 1.18 -8.66 -4.86
N ALA A 204 2.38 -8.93 -4.37
CA ALA A 204 2.69 -8.82 -2.95
C ALA A 204 2.50 -7.37 -2.48
N CYS A 205 2.84 -6.43 -3.35
CA CYS A 205 2.70 -5.01 -3.04
C CYS A 205 1.24 -4.58 -3.10
N MET A 206 0.54 -5.01 -4.15
CA MET A 206 -0.86 -4.64 -4.35
C MET A 206 -1.74 -5.17 -3.22
N GLN A 207 -1.43 -6.38 -2.75
CA GLN A 207 -2.19 -6.99 -1.67
C GLN A 207 -1.99 -6.24 -0.35
N LYS A 208 -0.74 -5.88 -0.06
CA LYS A 208 -0.43 -5.10 1.13
C LYS A 208 -1.10 -3.73 1.10
N LEU A 209 -1.20 -3.16 -0.09
CA LEU A 209 -1.77 -1.83 -0.25
C LEU A 209 -3.27 -1.82 0.03
N ALA A 210 -3.91 -2.95 -0.21
CA ALA A 210 -5.36 -3.06 -0.04
C ALA A 210 -5.74 -3.51 1.37
N CYS A 211 -4.74 -3.59 2.26
CA CYS A 211 -4.99 -4.07 3.62
C CYS A 211 -5.90 -3.16 4.44
N GLY A 212 -6.31 -3.66 5.60
CA GLY A 212 -7.22 -2.96 6.49
C GLY A 212 -7.73 -3.93 7.53
N LYS A 213 -8.34 -3.40 8.60
CA LYS A 213 -8.82 -4.26 9.66
C LYS A 213 -10.16 -4.89 9.30
N LEU A 214 -10.40 -6.10 9.79
CA LEU A 214 -11.61 -6.85 9.47
C LEU A 214 -12.87 -6.14 9.96
N THR A 215 -13.85 -5.99 9.07
CA THR A 215 -15.10 -5.33 9.40
C THR A 215 -16.31 -6.21 9.09
N GLY A 216 -16.13 -7.21 8.24
CA GLY A 216 -17.24 -8.06 7.87
C GLY A 216 -16.85 -9.42 7.30
N ILE A 217 -17.69 -10.42 7.58
CA ILE A 217 -17.54 -11.75 7.01
C ILE A 217 -18.87 -12.18 6.38
N SER A 218 -18.87 -12.36 5.06
CA SER A 218 -20.11 -12.68 4.35
C SER A 218 -20.59 -14.08 4.68
N ASP A 219 -21.80 -14.42 4.21
CA ASP A 219 -22.34 -15.75 4.38
C ASP A 219 -21.51 -16.75 3.59
N PRO A 220 -21.23 -17.91 4.19
CA PRO A 220 -20.36 -18.94 3.60
C PRO A 220 -20.94 -19.58 2.34
N VAL A 221 -20.06 -20.19 1.55
CA VAL A 221 -20.47 -20.94 0.38
C VAL A 221 -19.92 -22.36 0.46
N THR A 222 -20.80 -23.35 0.36
CA THR A 222 -20.39 -24.74 0.46
C THR A 222 -19.69 -25.20 -0.83
N VAL A 223 -18.38 -25.39 -0.74
CA VAL A 223 -17.60 -25.83 -1.89
C VAL A 223 -17.76 -27.31 -2.15
N LYS A 224 -17.67 -28.11 -1.08
CA LYS A 224 -17.77 -29.56 -1.22
C LYS A 224 -18.18 -30.24 0.09
N THR A 225 -18.76 -31.43 -0.04
CA THR A 225 -19.09 -32.26 1.12
C THR A 225 -18.27 -33.54 1.07
N SER A 226 -17.26 -33.63 1.93
CA SER A 226 -16.37 -34.78 1.94
C SER A 226 -15.54 -34.86 3.23
N GLY A 227 -14.92 -36.00 3.44
CA GLY A 227 -14.00 -36.18 4.55
C GLY A 227 -14.67 -36.36 5.90
N SER A 228 -13.86 -36.55 6.94
CA SER A 228 -14.37 -36.73 8.29
C SER A 228 -14.76 -35.40 8.91
N ARG A 229 -15.07 -35.43 10.20
CA ARG A 229 -15.55 -34.25 10.91
C ARG A 229 -14.47 -33.19 11.02
N PHE A 230 -13.22 -33.60 11.10
CA PHE A 230 -12.09 -32.68 11.20
C PHE A 230 -11.22 -32.77 9.94
N GLY A 231 -10.51 -31.70 9.63
CA GLY A 231 -9.63 -31.66 8.47
C GLY A 231 -9.28 -30.26 8.04
N SER A 232 -8.61 -30.14 6.89
CA SER A 232 -8.23 -28.85 6.35
C SER A 232 -8.08 -28.90 4.84
N TRP A 233 -8.43 -27.79 4.19
CA TRP A 233 -8.27 -27.67 2.75
C TRP A 233 -7.83 -26.26 2.40
N MET A 234 -7.05 -26.12 1.33
CA MET A 234 -6.44 -24.83 1.01
C MET A 234 -5.89 -24.75 -0.40
N THR A 235 -5.44 -23.55 -0.78
CA THR A 235 -4.76 -23.33 -2.05
C THR A 235 -3.51 -22.48 -1.81
N ASP A 236 -2.46 -22.73 -2.59
CA ASP A 236 -1.22 -21.98 -2.47
C ASP A 236 -1.42 -20.51 -2.88
N PRO A 237 -1.24 -19.59 -1.92
CA PRO A 237 -1.40 -18.16 -2.20
C PRO A 237 -0.32 -17.61 -3.12
N LEU A 238 0.86 -18.25 -3.12
CA LEU A 238 1.95 -17.83 -3.99
C LEU A 238 2.06 -18.73 -5.22
N ALA A 239 0.93 -19.19 -5.72
CA ALA A 239 0.90 -20.04 -6.90
C ALA A 239 0.62 -19.22 -8.14
N PRO A 240 1.17 -19.64 -9.30
CA PRO A 240 0.90 -18.99 -10.58
C PRO A 240 -0.58 -18.99 -10.92
N GLU A 241 -0.98 -18.16 -11.87
CA GLU A 241 -2.38 -18.03 -12.25
C GLU A 241 -2.92 -19.32 -12.89
N GLY A 242 -2.03 -20.08 -13.49
CA GLY A 242 -2.40 -21.35 -14.09
C GLY A 242 -2.51 -22.45 -13.04
N ASP A 243 -1.99 -22.18 -11.86
CA ASP A 243 -2.01 -23.15 -10.77
C ASP A 243 -3.11 -22.81 -9.76
N ASN A 244 -4.26 -23.46 -9.94
CA ASN A 244 -5.38 -23.27 -9.03
C ASN A 244 -5.66 -24.54 -8.24
N ARG A 245 -4.62 -25.33 -8.01
CA ARG A 245 -4.75 -26.63 -7.36
C ARG A 245 -5.26 -26.52 -5.92
N VAL A 246 -6.09 -27.48 -5.52
CA VAL A 246 -6.63 -27.53 -4.17
C VAL A 246 -5.98 -28.65 -3.37
N TRP A 247 -5.43 -28.30 -2.20
CA TRP A 247 -4.78 -29.27 -1.34
C TRP A 247 -5.70 -29.65 -0.19
N TYR A 248 -5.73 -30.94 0.14
CA TYR A 248 -6.78 -31.50 0.98
C TYR A 248 -6.19 -32.47 2.00
N MET A 249 -6.53 -32.29 3.27
CA MET A 249 -5.98 -33.12 4.34
C MET A 249 -7.05 -33.57 5.34
N ASP A 250 -7.50 -34.81 5.17
CA ASP A 250 -8.54 -35.38 6.01
C ASP A 250 -7.98 -35.80 7.37
N GLY A 251 -8.66 -35.42 8.44
CA GLY A 251 -8.26 -35.81 9.78
C GLY A 251 -7.37 -34.81 10.47
N TYR A 252 -7.15 -35.02 11.76
CA TYR A 252 -6.32 -34.12 12.57
C TYR A 252 -5.27 -34.90 13.35
N HIS A 253 -5.34 -36.22 13.26
CA HIS A 253 -4.48 -37.08 14.08
C HIS A 253 -3.93 -38.27 13.31
N ASN A 254 -2.61 -38.36 13.25
CA ASN A 254 -1.90 -39.49 12.64
C ASN A 254 -2.30 -39.78 11.20
N ASN A 255 -2.35 -38.73 10.37
CA ASN A 255 -2.56 -38.92 8.94
C ASN A 255 -1.38 -38.32 8.19
N ARG A 256 -0.99 -38.95 7.09
CA ARG A 256 0.19 -38.52 6.35
C ARG A 256 -0.07 -38.41 4.86
N PHE A 257 -1.35 -38.36 4.49
CA PHE A 257 -1.72 -38.30 3.08
C PHE A 257 -2.43 -36.98 2.74
N VAL A 258 -1.88 -36.28 1.75
CA VAL A 258 -2.47 -35.05 1.25
C VAL A 258 -3.11 -35.29 -0.11
N ARG A 259 -4.36 -34.87 -0.28
CA ARG A 259 -5.03 -34.99 -1.58
C ARG A 259 -4.74 -33.77 -2.44
N GLU A 260 -4.38 -34.02 -3.70
CA GLU A 260 -4.11 -32.95 -4.65
C GLU A 260 -5.15 -32.92 -5.76
N TYR A 261 -5.96 -31.86 -5.77
CA TYR A 261 -6.94 -31.67 -6.83
C TYR A 261 -6.40 -30.66 -7.84
N LYS A 262 -6.66 -30.90 -9.11
CA LYS A 262 -6.07 -30.10 -10.18
C LYS A 262 -6.51 -28.64 -10.14
N SER A 263 -7.75 -28.40 -9.73
CA SER A 263 -8.28 -27.05 -9.64
C SER A 263 -9.47 -26.96 -8.71
N MET A 264 -10.02 -25.75 -8.57
CA MET A 264 -11.25 -25.55 -7.81
C MET A 264 -12.41 -26.29 -8.46
N VAL A 265 -12.42 -26.31 -9.78
CA VAL A 265 -13.46 -26.99 -10.55
C VAL A 265 -13.40 -28.50 -10.33
N ASP A 266 -12.22 -29.07 -10.45
CA ASP A 266 -12.03 -30.50 -10.24
C ASP A 266 -12.28 -30.89 -8.79
N PHE A 267 -11.98 -29.97 -7.86
CA PHE A 267 -12.22 -30.22 -6.46
C PHE A 267 -13.71 -30.18 -6.14
N MET A 268 -14.40 -29.19 -6.70
CA MET A 268 -15.80 -28.97 -6.41
C MET A 268 -16.73 -29.97 -7.10
N ASN A 269 -16.37 -30.37 -8.33
CA ASN A 269 -17.26 -31.19 -9.14
C ASN A 269 -16.77 -32.61 -9.41
N THR A 270 -15.61 -32.97 -8.87
CA THR A 270 -15.04 -34.30 -9.12
C THR A 270 -14.30 -34.86 -7.91
N ASP A 271 -14.17 -36.18 -7.88
CA ASP A 271 -13.39 -36.85 -6.84
C ASP A 271 -12.09 -37.41 -7.43
N ASN A 272 -11.62 -36.78 -8.51
CA ASN A 272 -10.35 -37.15 -9.13
C ASN A 272 -9.18 -36.39 -8.51
N PHE A 273 -8.29 -37.12 -7.85
CA PHE A 273 -7.15 -36.49 -7.18
C PHE A 273 -5.96 -37.43 -7.13
N THR A 274 -4.78 -36.86 -6.86
CA THR A 274 -3.59 -37.65 -6.62
C THR A 274 -3.11 -37.40 -5.20
N SER A 275 -2.72 -38.47 -4.51
CA SER A 275 -2.35 -38.36 -3.10
C SER A 275 -0.84 -38.30 -2.89
N HIS A 276 -0.42 -37.44 -1.97
CA HIS A 276 0.98 -37.34 -1.59
C HIS A 276 1.19 -37.94 -0.21
N ARG A 277 2.23 -38.75 -0.06
CA ARG A 277 2.55 -39.33 1.24
C ARG A 277 3.62 -38.50 1.94
N LEU A 278 3.24 -37.84 3.02
CA LEU A 278 4.17 -37.03 3.81
C LEU A 278 5.18 -37.93 4.53
N PRO A 279 6.41 -37.44 4.71
CA PRO A 279 7.46 -38.20 5.40
C PRO A 279 7.09 -38.45 6.86
N HIS A 280 6.29 -37.55 7.43
CA HIS A 280 5.80 -37.70 8.79
C HIS A 280 4.33 -37.32 8.85
N PRO A 281 3.55 -38.03 9.70
CA PRO A 281 2.16 -37.65 9.91
C PRO A 281 2.06 -36.29 10.60
N TRP A 282 0.97 -35.57 10.38
CA TRP A 282 0.78 -34.27 11.01
C TRP A 282 -0.06 -34.40 12.28
N SER A 283 -0.29 -33.26 12.93
CA SER A 283 -1.19 -33.19 14.08
C SER A 283 -2.02 -31.92 14.00
N GLY A 284 -3.33 -32.06 14.16
CA GLY A 284 -4.23 -30.93 14.04
C GLY A 284 -4.54 -30.59 12.61
N THR A 285 -5.02 -29.37 12.37
CA THR A 285 -5.41 -28.95 11.03
C THR A 285 -4.81 -27.59 10.67
N GLY A 286 -3.64 -27.29 11.22
CA GLY A 286 -3.00 -26.00 10.99
C GLY A 286 -1.88 -26.04 9.96
N GLN A 287 -2.14 -26.66 8.82
CA GLN A 287 -1.15 -26.75 7.76
C GLN A 287 -1.35 -25.63 6.73
N VAL A 288 -0.28 -25.29 6.02
CA VAL A 288 -0.37 -24.33 4.91
C VAL A 288 0.50 -24.74 3.74
N VAL A 289 -0.02 -24.57 2.54
CA VAL A 289 0.75 -24.77 1.32
C VAL A 289 1.28 -23.44 0.84
N TYR A 290 2.56 -23.18 1.10
CA TYR A 290 3.15 -21.88 0.79
C TYR A 290 4.34 -22.01 -0.16
N ASN A 291 4.21 -21.41 -1.34
CA ASN A 291 5.27 -21.38 -2.35
C ASN A 291 5.72 -22.77 -2.76
N GLY A 292 4.76 -23.64 -3.06
CA GLY A 292 5.07 -24.98 -3.53
C GLY A 292 5.42 -25.97 -2.44
N SER A 293 5.43 -25.50 -1.19
CA SER A 293 5.78 -26.35 -0.06
C SER A 293 4.66 -26.42 0.97
N ILE A 294 4.48 -27.59 1.57
CA ILE A 294 3.50 -27.73 2.64
C ILE A 294 4.19 -27.61 4.00
N TYR A 295 3.71 -26.67 4.82
CA TYR A 295 4.24 -26.46 6.16
C TYR A 295 3.29 -27.07 7.18
N PHE A 296 3.73 -28.09 7.89
CA PHE A 296 2.88 -28.75 8.87
C PHE A 296 3.60 -29.07 10.16
N ASN A 297 2.83 -29.26 11.23
CA ASN A 297 3.39 -29.65 12.51
C ASN A 297 3.52 -31.16 12.62
N LYS A 298 4.74 -31.63 12.87
CA LYS A 298 5.02 -33.05 12.99
C LYS A 298 4.17 -33.66 14.11
N PHE A 299 3.75 -34.91 13.91
CA PHE A 299 2.83 -35.58 14.83
C PHE A 299 3.34 -35.62 16.27
N GLN A 300 2.59 -34.96 17.16
CA GLN A 300 2.91 -34.89 18.58
C GLN A 300 4.32 -34.38 18.85
N SER A 301 4.59 -33.16 18.42
CA SER A 301 5.88 -32.51 18.67
C SER A 301 5.77 -31.02 18.40
N HIS A 302 6.86 -30.30 18.67
CA HIS A 302 6.92 -28.87 18.39
C HIS A 302 7.75 -28.63 17.14
N ILE A 303 7.81 -29.65 16.30
CA ILE A 303 8.64 -29.62 15.10
C ILE A 303 7.87 -29.19 13.86
N ILE A 304 8.29 -28.09 13.26
CA ILE A 304 7.72 -27.61 12.01
C ILE A 304 8.51 -28.13 10.82
N ILE A 305 7.81 -28.75 9.87
CA ILE A 305 8.47 -29.35 8.72
C ILE A 305 8.08 -28.66 7.41
N ARG A 306 9.08 -28.17 6.68
CA ARG A 306 8.85 -27.65 5.34
C ARG A 306 9.09 -28.76 4.32
N PHE A 307 8.06 -29.08 3.55
CA PHE A 307 8.13 -30.18 2.60
C PHE A 307 7.74 -29.74 1.19
N ASP A 308 8.71 -29.74 0.29
CA ASP A 308 8.45 -29.40 -1.11
C ASP A 308 7.67 -30.53 -1.77
N LEU A 309 6.52 -30.19 -2.35
CA LEU A 309 5.62 -31.19 -2.91
C LEU A 309 6.09 -31.72 -4.28
N LYS A 310 6.89 -30.92 -4.99
CA LYS A 310 7.36 -31.32 -6.31
C LYS A 310 8.57 -32.25 -6.21
N THR A 311 9.56 -31.86 -5.41
CA THR A 311 10.76 -32.66 -5.21
C THR A 311 10.47 -33.80 -4.24
N GLU A 312 9.37 -33.69 -3.52
CA GLU A 312 8.99 -34.65 -2.49
C GLU A 312 10.10 -34.85 -1.47
N THR A 313 10.71 -33.74 -1.04
CA THR A 313 11.79 -33.78 -0.08
C THR A 313 11.55 -32.80 1.06
N ILE A 314 12.20 -33.06 2.20
CA ILE A 314 12.14 -32.15 3.33
C ILE A 314 13.22 -31.08 3.19
N LEU A 315 12.82 -29.83 3.13
CA LEU A 315 13.76 -28.73 2.93
C LEU A 315 14.27 -28.18 4.25
N LYS A 316 13.42 -28.15 5.27
CA LYS A 316 13.84 -27.66 6.58
C LYS A 316 13.00 -28.26 7.71
N THR A 317 13.61 -28.35 8.89
CA THR A 317 12.98 -28.94 10.06
C THR A 317 13.42 -28.20 11.33
N ARG A 318 12.48 -27.60 12.03
CA ARG A 318 12.80 -26.80 13.22
C ARG A 318 11.83 -27.02 14.38
N SER A 319 12.38 -27.10 15.58
CA SER A 319 11.58 -27.25 16.79
C SER A 319 11.41 -25.90 17.48
N LEU A 320 10.25 -25.71 18.10
CA LEU A 320 9.93 -24.45 18.77
C LEU A 320 9.85 -24.63 20.28
N ASP A 321 9.61 -23.55 21.00
CA ASP A 321 9.39 -23.63 22.44
C ASP A 321 7.89 -23.56 22.73
N TYR A 322 7.42 -24.46 23.58
CA TYR A 322 5.99 -24.58 23.86
C TYR A 322 5.78 -25.00 25.31
N SER A 337 -5.24 -28.88 17.51
CA SER A 337 -4.02 -28.41 16.87
C SER A 337 -3.24 -27.48 17.80
N ASP A 338 -2.04 -27.90 18.19
CA ASP A 338 -1.20 -27.10 19.07
C ASP A 338 -0.55 -25.94 18.33
N ILE A 339 0.05 -26.23 17.18
CA ILE A 339 0.69 -25.20 16.38
C ILE A 339 -0.04 -24.98 15.05
N ASP A 340 -0.58 -23.78 14.88
CA ASP A 340 -1.26 -23.42 13.64
C ASP A 340 -0.39 -22.51 12.78
N LEU A 341 -0.05 -22.99 11.59
CA LEU A 341 0.71 -22.20 10.64
C LEU A 341 -0.24 -21.53 9.67
N MET A 342 -0.02 -20.24 9.40
CA MET A 342 -0.84 -19.53 8.44
C MET A 342 -0.05 -18.50 7.64
N VAL A 343 -0.64 -18.07 6.52
CA VAL A 343 0.00 -17.12 5.62
C VAL A 343 -0.91 -15.94 5.32
N ASP A 344 -0.38 -14.73 5.47
CA ASP A 344 -1.12 -13.53 5.10
C ASP A 344 -0.34 -12.72 4.07
N GLU A 345 -0.63 -11.43 3.98
CA GLU A 345 0.04 -10.54 3.05
C GLU A 345 1.51 -10.34 3.41
N ASN A 346 1.88 -10.70 4.63
CA ASN A 346 3.23 -10.45 5.12
C ASN A 346 4.12 -11.70 5.14
N GLY A 347 3.53 -12.87 4.89
CA GLY A 347 4.30 -14.09 4.83
C GLY A 347 3.80 -15.19 5.74
N LEU A 348 4.74 -15.98 6.28
CA LEU A 348 4.40 -17.15 7.07
C LEU A 348 4.36 -16.85 8.57
N TRP A 349 3.39 -17.45 9.27
CA TRP A 349 3.24 -17.23 10.70
C TRP A 349 3.06 -18.54 11.47
N ALA A 350 3.28 -18.48 12.77
CA ALA A 350 3.05 -19.62 13.65
C ALA A 350 2.33 -19.17 14.91
N VAL A 351 1.15 -19.75 15.16
CA VAL A 351 0.36 -19.37 16.32
C VAL A 351 0.14 -20.57 17.25
N TYR A 352 0.39 -20.34 18.54
CA TYR A 352 0.35 -21.39 19.55
C TYR A 352 0.24 -20.78 20.92
N ALA A 353 0.47 -21.59 21.96
CA ALA A 353 0.51 -21.10 23.32
C ALA A 353 1.79 -21.57 24.01
N THR A 354 2.41 -20.69 24.79
CA THR A 354 3.63 -21.02 25.49
C THR A 354 3.40 -21.33 26.96
N ASN A 355 4.46 -21.75 27.64
CA ASN A 355 4.40 -22.00 29.08
C ASN A 355 4.62 -20.74 29.89
N GLN A 356 5.43 -19.84 29.35
CA GLN A 356 5.66 -18.54 29.99
C GLN A 356 4.36 -17.74 30.00
N ASN A 357 3.72 -17.61 28.84
CA ASN A 357 2.37 -17.05 28.76
C ASN A 357 1.42 -18.01 29.43
N ALA A 358 0.49 -17.50 30.26
CA ALA A 358 -0.44 -18.34 31.01
C ALA A 358 -1.42 -19.05 30.10
N GLY A 359 -0.91 -19.94 29.26
CA GLY A 359 -1.73 -20.63 28.29
C GLY A 359 -2.32 -19.70 27.23
N ASN A 360 -1.78 -18.48 27.16
CA ASN A 360 -2.28 -17.50 26.21
C ASN A 360 -1.66 -17.66 24.82
N ILE A 361 -2.45 -17.36 23.80
CA ILE A 361 -2.03 -17.49 22.40
C ILE A 361 -0.77 -16.67 22.11
N VAL A 362 0.19 -17.31 21.44
CA VAL A 362 1.46 -16.68 21.11
C VAL A 362 1.69 -16.68 19.60
N ILE A 363 1.98 -15.50 19.06
CA ILE A 363 2.22 -15.35 17.63
C ILE A 363 3.72 -15.24 17.32
N SER A 364 4.17 -15.98 16.31
CA SER A 364 5.57 -15.91 15.89
C SER A 364 5.68 -15.80 14.37
N LYS A 365 6.37 -14.75 13.92
CA LYS A 365 6.62 -14.55 12.49
C LYS A 365 7.79 -15.44 12.06
N LEU A 366 7.54 -16.30 11.08
CA LEU A 366 8.55 -17.27 10.64
C LEU A 366 9.20 -16.90 9.32
N ASP A 367 10.46 -17.30 9.16
CA ASP A 367 11.14 -17.23 7.87
C ASP A 367 10.76 -18.47 7.07
N PRO A 368 10.08 -18.28 5.94
CA PRO A 368 9.53 -19.38 5.13
C PRO A 368 10.59 -20.38 4.64
N VAL A 369 11.86 -19.99 4.67
CA VAL A 369 12.91 -20.86 4.16
C VAL A 369 13.66 -21.58 5.28
N SER A 370 14.09 -20.82 6.29
CA SER A 370 14.90 -21.38 7.37
C SER A 370 14.05 -21.81 8.57
N LEU A 371 12.77 -21.46 8.54
CA LEU A 371 11.85 -21.75 9.64
C LEU A 371 12.36 -21.15 10.95
N GLN A 372 12.99 -20.00 10.85
CA GLN A 372 13.51 -19.29 12.01
C GLN A 372 12.45 -18.33 12.56
N ILE A 373 12.46 -18.11 13.87
CA ILE A 373 11.51 -17.20 14.49
C ILE A 373 12.05 -15.77 14.46
N LEU A 374 11.48 -14.96 13.57
CA LEU A 374 11.94 -13.58 13.40
C LEU A 374 11.49 -12.69 14.56
N GLN A 375 10.22 -12.79 14.93
CA GLN A 375 9.67 -11.98 16.02
C GLN A 375 8.52 -12.71 16.70
N THR A 376 8.35 -12.45 18.00
CA THR A 376 7.33 -13.13 18.79
C THR A 376 6.46 -12.16 19.59
N TRP A 377 5.15 -12.35 19.52
CA TRP A 377 4.21 -11.57 20.31
C TRP A 377 3.40 -12.47 21.24
N ASN A 378 3.24 -12.04 22.49
CA ASN A 378 2.42 -12.78 23.44
C ASN A 378 1.09 -12.07 23.67
N THR A 379 0.00 -12.71 23.23
CA THR A 379 -1.33 -12.14 23.38
C THR A 379 -1.85 -12.35 24.80
N SER A 380 -3.02 -11.79 25.09
CA SER A 380 -3.64 -11.96 26.38
C SER A 380 -4.83 -12.91 26.28
N TYR A 381 -4.80 -13.78 25.28
CA TYR A 381 -5.93 -14.65 25.01
C TYR A 381 -5.61 -16.12 25.23
N PRO A 382 -6.29 -16.76 26.19
CA PRO A 382 -6.11 -18.18 26.49
C PRO A 382 -6.50 -19.08 25.33
N LYS A 383 -5.58 -19.94 24.90
CA LYS A 383 -5.81 -20.82 23.76
C LYS A 383 -6.90 -21.84 24.04
N ARG A 384 -7.01 -22.26 25.30
CA ARG A 384 -8.02 -23.24 25.69
C ARG A 384 -9.43 -22.75 25.40
N SER A 385 -9.68 -21.47 25.65
CA SER A 385 -10.99 -20.88 25.43
C SER A 385 -11.17 -20.46 23.98
N ALA A 386 -10.05 -20.37 23.26
CA ALA A 386 -10.06 -19.87 21.88
C ALA A 386 -10.65 -20.87 20.91
N GLY A 387 -11.36 -20.35 19.90
CA GLY A 387 -11.82 -21.17 18.79
C GLY A 387 -10.76 -21.16 17.70
N GLU A 388 -11.21 -21.05 16.45
CA GLU A 388 -10.29 -20.95 15.33
C GLU A 388 -9.77 -19.53 15.17
N ALA A 389 -8.58 -19.39 14.61
CA ALA A 389 -7.94 -18.08 14.45
C ALA A 389 -7.30 -17.93 13.08
N PHE A 390 -7.19 -16.69 12.61
CA PHE A 390 -6.59 -16.40 11.32
C PHE A 390 -5.92 -15.03 11.32
N ILE A 391 -4.91 -14.87 10.48
CA ILE A 391 -4.16 -13.62 10.43
C ILE A 391 -4.42 -12.84 9.14
N ILE A 392 -4.88 -11.60 9.29
CA ILE A 392 -5.11 -10.73 8.15
C ILE A 392 -4.36 -9.42 8.31
N CYS A 393 -3.40 -9.19 7.41
CA CYS A 393 -2.57 -8.00 7.41
C CYS A 393 -1.86 -7.78 8.74
N GLY A 394 -1.19 -8.83 9.23
CA GLY A 394 -0.41 -8.74 10.45
C GLY A 394 -1.23 -8.63 11.72
N THR A 395 -2.51 -9.00 11.63
CA THR A 395 -3.39 -8.93 12.79
C THR A 395 -4.08 -10.27 13.06
N LEU A 396 -3.86 -10.82 14.24
CA LEU A 396 -4.48 -12.09 14.62
C LEU A 396 -5.92 -11.92 15.09
N TYR A 397 -6.85 -12.51 14.34
CA TYR A 397 -8.25 -12.51 14.73
C TYR A 397 -8.61 -13.84 15.36
N VAL A 398 -9.23 -13.79 16.54
CA VAL A 398 -9.56 -15.01 17.28
C VAL A 398 -11.06 -15.15 17.48
N THR A 399 -11.60 -16.29 17.08
CA THR A 399 -13.02 -16.57 17.24
C THR A 399 -13.32 -17.01 18.67
N ASN A 400 -14.60 -17.00 19.04
CA ASN A 400 -15.01 -17.34 20.40
C ASN A 400 -15.02 -18.84 20.67
N GLY A 401 -15.35 -19.62 19.65
CA GLY A 401 -15.40 -21.07 19.81
C GLY A 401 -15.44 -21.83 18.51
N TYR A 402 -15.47 -23.15 18.61
CA TYR A 402 -15.51 -24.03 17.44
C TYR A 402 -16.94 -24.35 17.05
N SER A 403 -17.84 -24.30 18.02
CA SER A 403 -19.24 -24.65 17.78
C SER A 403 -20.20 -23.56 18.27
N GLY A 404 -21.49 -23.78 18.06
CA GLY A 404 -22.50 -22.82 18.48
C GLY A 404 -22.48 -21.57 17.62
N GLY A 405 -22.90 -20.46 18.21
CA GLY A 405 -22.88 -19.18 17.52
C GLY A 405 -21.49 -18.56 17.55
N THR A 406 -20.79 -18.66 16.43
CA THR A 406 -19.41 -18.19 16.35
C THR A 406 -19.31 -16.72 15.94
N LYS A 407 -18.20 -16.10 16.32
CA LYS A 407 -17.94 -14.70 15.99
C LYS A 407 -16.49 -14.35 16.29
N VAL A 408 -15.94 -13.39 15.55
CA VAL A 408 -14.60 -12.89 15.84
C VAL A 408 -14.69 -11.85 16.94
N HIS A 409 -14.07 -12.10 18.08
CA HIS A 409 -14.21 -11.20 19.21
C HIS A 409 -12.88 -10.79 19.86
N TYR A 410 -11.78 -11.11 19.20
CA TYR A 410 -10.46 -10.67 19.67
C TYR A 410 -9.52 -10.41 18.50
N ALA A 411 -8.95 -9.21 18.47
CA ALA A 411 -8.04 -8.82 17.41
C ALA A 411 -6.74 -8.28 17.97
N TYR A 412 -5.63 -8.93 17.61
CA TYR A 412 -4.32 -8.50 18.07
C TYR A 412 -3.48 -7.97 16.92
N GLN A 413 -3.22 -6.66 16.93
CA GLN A 413 -2.39 -6.03 15.91
C GLN A 413 -0.91 -6.17 16.26
N THR A 414 -0.21 -7.04 15.52
CA THR A 414 1.20 -7.29 15.79
C THR A 414 2.07 -6.08 15.45
N ASN A 415 1.55 -5.20 14.60
CA ASN A 415 2.28 -4.01 14.19
C ASN A 415 2.45 -3.03 15.36
N ALA A 416 1.39 -2.85 16.13
CA ALA A 416 1.41 -1.92 17.26
C ALA A 416 1.50 -2.66 18.58
N SER A 417 1.50 -3.99 18.51
CA SER A 417 1.54 -4.85 19.70
C SER A 417 0.39 -4.54 20.67
N THR A 418 -0.77 -4.24 20.11
CA THR A 418 -1.96 -3.93 20.90
C THR A 418 -3.08 -4.90 20.58
N TYR A 419 -4.11 -4.91 21.42
CA TYR A 419 -5.27 -5.78 21.20
C TYR A 419 -6.56 -5.08 21.57
N GLU A 420 -7.66 -5.55 20.98
CA GLU A 420 -8.99 -5.04 21.30
C GLU A 420 -10.05 -6.10 21.06
N TYR A 421 -11.03 -6.18 21.95
CA TYR A 421 -12.13 -7.12 21.79
C TYR A 421 -13.19 -6.56 20.87
N ILE A 422 -13.64 -7.38 19.93
CA ILE A 422 -14.61 -6.93 18.93
C ILE A 422 -15.83 -7.84 18.88
N ASP A 423 -16.63 -7.69 17.83
CA ASP A 423 -17.82 -8.51 17.63
C ASP A 423 -18.17 -8.60 16.16
N ILE A 424 -17.55 -9.55 15.47
CA ILE A 424 -17.82 -9.77 14.05
C ILE A 424 -18.43 -11.16 13.84
N PRO A 425 -19.77 -11.22 13.74
CA PRO A 425 -20.48 -12.48 13.59
C PRO A 425 -20.38 -13.06 12.18
N PHE A 426 -20.31 -14.38 12.09
CA PHE A 426 -20.33 -15.06 10.80
C PHE A 426 -21.08 -16.39 10.94
N GLN A 427 -21.69 -16.84 9.85
CA GLN A 427 -22.55 -18.01 9.90
C GLN A 427 -21.77 -19.32 9.99
N ASN A 428 -21.88 -19.96 11.15
CA ASN A 428 -21.34 -21.29 11.32
C ASN A 428 -22.39 -22.24 10.78
N LYS A 429 -22.35 -22.42 9.47
CA LYS A 429 -23.38 -23.12 8.72
C LYS A 429 -23.61 -24.55 9.19
N TYR A 430 -22.52 -25.27 9.48
CA TYR A 430 -22.65 -26.65 9.88
C TYR A 430 -22.26 -26.90 11.34
N SER A 431 -22.57 -25.94 12.19
CA SER A 431 -22.45 -26.10 13.64
C SER A 431 -21.02 -26.20 14.15
N HIS A 432 -20.23 -27.08 13.57
CA HIS A 432 -18.87 -27.30 14.06
C HIS A 432 -17.80 -26.90 13.05
N ILE A 433 -16.85 -26.10 13.50
CA ILE A 433 -15.74 -25.67 12.66
C ILE A 433 -14.43 -26.11 13.26
N SER A 434 -13.64 -26.84 12.47
CA SER A 434 -12.37 -27.37 12.92
C SER A 434 -11.19 -26.70 12.23
N MET A 435 -11.48 -25.81 11.28
CA MET A 435 -10.44 -25.11 10.54
C MET A 435 -10.97 -23.80 9.97
N LEU A 436 -10.20 -22.74 10.13
CA LEU A 436 -10.59 -21.43 9.61
C LEU A 436 -9.35 -20.60 9.34
N ASP A 437 -9.01 -20.48 8.06
CA ASP A 437 -7.78 -19.79 7.67
C ASP A 437 -7.99 -18.80 6.53
N TYR A 438 -7.20 -17.73 6.55
CA TYR A 438 -7.31 -16.66 5.57
C TYR A 438 -6.29 -16.82 4.45
N ASN A 439 -6.75 -16.67 3.21
CA ASN A 439 -5.87 -16.71 2.06
C ASN A 439 -5.79 -15.33 1.41
N PRO A 440 -4.60 -14.71 1.48
CA PRO A 440 -4.39 -13.33 1.03
C PRO A 440 -4.50 -13.14 -0.49
N LYS A 441 -4.49 -14.23 -1.24
CA LYS A 441 -4.56 -14.14 -2.70
C LYS A 441 -5.99 -13.91 -3.19
N ASP A 442 -6.93 -14.68 -2.67
CA ASP A 442 -8.33 -14.54 -3.07
C ASP A 442 -9.17 -13.90 -1.96
N ARG A 443 -8.50 -13.45 -0.91
CA ARG A 443 -9.12 -12.73 0.19
C ARG A 443 -10.35 -13.43 0.76
N ALA A 444 -10.22 -14.72 1.07
CA ALA A 444 -11.34 -15.48 1.57
C ALA A 444 -10.94 -16.37 2.74
N LEU A 445 -11.89 -16.64 3.62
CA LEU A 445 -11.66 -17.54 4.73
C LEU A 445 -11.96 -18.98 4.31
N TYR A 446 -10.91 -19.80 4.26
CA TYR A 446 -11.07 -21.23 4.03
C TYR A 446 -11.51 -21.89 5.33
N ALA A 447 -12.44 -22.84 5.24
CA ALA A 447 -12.99 -23.44 6.45
C ALA A 447 -13.41 -24.90 6.27
N TRP A 448 -13.02 -25.73 7.23
CA TRP A 448 -13.53 -27.09 7.32
C TRP A 448 -14.68 -27.10 8.32
N ASN A 449 -15.91 -27.19 7.81
CA ASN A 449 -17.10 -27.06 8.64
C ASN A 449 -17.86 -28.38 8.80
N ASN A 450 -17.42 -29.21 9.74
CA ASN A 450 -18.10 -30.46 10.08
C ASN A 450 -18.30 -31.37 8.87
N GLY A 451 -17.20 -31.77 8.24
CA GLY A 451 -17.26 -32.64 7.08
C GLY A 451 -17.62 -31.91 5.81
N HIS A 452 -17.61 -30.58 5.87
CA HIS A 452 -17.95 -29.76 4.71
C HIS A 452 -16.84 -28.75 4.41
N GLN A 453 -16.67 -28.43 3.13
CA GLN A 453 -15.69 -27.45 2.71
C GLN A 453 -16.37 -26.13 2.36
N THR A 454 -16.13 -25.09 3.15
CA THR A 454 -16.81 -23.81 2.95
C THR A 454 -15.83 -22.66 2.69
N LEU A 455 -16.35 -21.58 2.13
CA LEU A 455 -15.57 -20.38 1.85
C LEU A 455 -16.31 -19.12 2.29
N TYR A 456 -15.63 -18.28 3.07
CA TYR A 456 -16.19 -17.00 3.50
C TYR A 456 -15.52 -15.85 2.75
N ASN A 457 -16.31 -14.96 2.18
CA ASN A 457 -15.75 -13.72 1.64
C ASN A 457 -15.53 -12.72 2.77
N VAL A 458 -14.47 -11.92 2.64
CA VAL A 458 -14.08 -11.00 3.70
C VAL A 458 -13.96 -9.57 3.19
N THR A 459 -14.55 -8.63 3.94
CA THR A 459 -14.46 -7.21 3.61
C THR A 459 -13.56 -6.48 4.59
N LEU A 460 -12.57 -5.75 4.05
CA LEU A 460 -11.65 -4.99 4.89
C LEU A 460 -11.93 -3.49 4.77
N PHE A 461 -11.21 -2.69 5.54
CA PHE A 461 -11.42 -1.25 5.54
C PHE A 461 -10.10 -0.49 5.44
N ARG B 194 5.74 -6.64 -20.50
CA ARG B 194 6.91 -5.78 -20.65
C ARG B 194 7.55 -5.53 -19.30
N VAL B 195 8.86 -5.77 -19.21
CA VAL B 195 9.59 -5.60 -17.96
C VAL B 195 9.60 -4.14 -17.52
N SER B 196 9.77 -3.24 -18.47
CA SER B 196 9.77 -1.80 -18.19
C SER B 196 8.42 -1.34 -17.63
N ASN B 197 7.36 -2.04 -18.00
CA ASN B 197 6.01 -1.69 -17.55
C ASN B 197 5.77 -2.14 -16.11
N LEU B 198 6.17 -3.36 -15.78
CA LEU B 198 5.99 -3.90 -14.44
C LEU B 198 6.84 -3.14 -13.42
N GLU B 199 8.03 -2.73 -13.84
CA GLU B 199 8.92 -1.95 -12.99
C GLU B 199 8.30 -0.59 -12.65
N GLU B 200 7.48 -0.09 -13.57
CA GLU B 200 6.78 1.17 -13.36
C GLU B 200 5.61 0.98 -12.40
N ARG B 201 4.89 -0.12 -12.57
CA ARG B 201 3.75 -0.43 -11.73
C ARG B 201 4.18 -0.80 -10.31
N LEU B 202 5.33 -1.47 -10.21
CA LEU B 202 5.86 -1.86 -8.91
C LEU B 202 6.33 -0.64 -8.12
N ARG B 203 7.09 0.23 -8.77
CA ARG B 203 7.60 1.44 -8.15
C ARG B 203 6.47 2.35 -7.68
N ALA B 204 5.42 2.46 -8.51
CA ALA B 204 4.27 3.28 -8.17
C ALA B 204 3.51 2.69 -6.98
N CYS B 205 3.44 1.36 -6.94
CA CYS B 205 2.75 0.67 -5.86
C CYS B 205 3.48 0.86 -4.53
N MET B 206 4.80 0.71 -4.56
CA MET B 206 5.62 0.83 -3.36
C MET B 206 5.52 2.24 -2.76
N GLN B 207 5.47 3.24 -3.62
CA GLN B 207 5.34 4.63 -3.16
C GLN B 207 4.01 4.85 -2.46
N LYS B 208 2.96 4.21 -2.98
CA LYS B 208 1.64 4.28 -2.36
C LYS B 208 1.60 3.50 -1.05
N LEU B 209 2.39 2.42 -0.99
CA LEU B 209 2.42 1.57 0.19
C LEU B 209 3.17 2.27 1.33
N ALA B 210 4.13 3.10 0.97
CA ALA B 210 4.91 3.84 1.96
C ALA B 210 4.29 5.20 2.28
N CYS B 211 3.09 5.42 1.77
CA CYS B 211 2.35 6.66 2.03
C CYS B 211 2.05 6.87 3.51
N GLY B 212 2.11 8.12 3.95
CA GLY B 212 1.74 8.47 5.31
C GLY B 212 1.16 9.86 5.38
N LYS B 213 0.90 10.34 6.59
CA LYS B 213 0.44 11.71 6.79
C LYS B 213 1.63 12.53 7.25
N LEU B 214 1.67 13.80 6.85
CA LEU B 214 2.81 14.64 7.16
C LEU B 214 2.89 14.89 8.67
N THR B 215 4.06 14.64 9.24
CA THR B 215 4.28 14.85 10.67
C THR B 215 5.44 15.80 10.91
N GLY B 216 6.42 15.79 10.01
CA GLY B 216 7.59 16.63 10.18
C GLY B 216 8.23 17.09 8.89
N ILE B 217 8.71 18.33 8.89
CA ILE B 217 9.45 18.87 7.76
C ILE B 217 10.86 19.25 8.21
N SER B 218 11.86 18.70 7.54
CA SER B 218 13.25 18.89 7.93
C SER B 218 13.77 20.29 7.59
N ASP B 219 15.02 20.54 7.98
CA ASP B 219 15.67 21.81 7.67
C ASP B 219 16.06 21.86 6.20
N PRO B 220 15.84 23.02 5.56
CA PRO B 220 16.09 23.18 4.12
C PRO B 220 17.58 23.17 3.77
N VAL B 221 17.91 22.54 2.65
CA VAL B 221 19.25 22.60 2.10
C VAL B 221 19.25 23.46 0.84
N THR B 222 19.97 24.56 0.89
CA THR B 222 20.04 25.49 -0.23
C THR B 222 20.78 24.84 -1.41
N VAL B 223 20.03 24.53 -2.47
CA VAL B 223 20.60 23.87 -3.63
C VAL B 223 21.36 24.86 -4.52
N LYS B 224 20.70 25.97 -4.85
CA LYS B 224 21.32 27.00 -5.69
C LYS B 224 20.77 28.38 -5.36
N THR B 225 21.59 29.41 -5.56
CA THR B 225 21.14 30.78 -5.36
C THR B 225 21.14 31.52 -6.70
N SER B 226 19.98 31.57 -7.34
CA SER B 226 19.86 32.25 -8.63
C SER B 226 18.41 32.64 -8.92
N GLY B 227 18.21 33.42 -9.97
CA GLY B 227 16.88 33.83 -10.40
C GLY B 227 16.33 34.99 -9.60
N SER B 228 15.11 35.40 -9.95
CA SER B 228 14.46 36.52 -9.29
C SER B 228 13.69 36.07 -8.04
N ARG B 229 12.81 36.94 -7.57
CA ARG B 229 12.03 36.68 -6.36
C ARG B 229 11.07 35.51 -6.57
N PHE B 230 10.41 35.49 -7.72
CA PHE B 230 9.43 34.45 -8.04
C PHE B 230 9.97 33.50 -9.09
N GLY B 231 9.51 32.25 -9.03
CA GLY B 231 9.94 31.23 -9.97
C GLY B 231 9.65 29.82 -9.49
N SER B 232 10.15 28.83 -10.23
CA SER B 232 9.94 27.43 -9.87
C SER B 232 11.06 26.54 -10.41
N TRP B 233 11.33 25.45 -9.71
CA TRP B 233 12.29 24.46 -10.18
C TRP B 233 11.84 23.06 -9.73
N MET B 234 12.15 22.05 -10.53
CA MET B 234 11.61 20.72 -10.29
C MET B 234 12.36 19.63 -11.05
N THR B 235 12.00 18.39 -10.76
CA THR B 235 12.47 17.23 -11.52
C THR B 235 11.28 16.36 -11.88
N ASP B 236 11.48 15.42 -12.80
CA ASP B 236 10.40 14.52 -13.20
C ASP B 236 10.39 13.28 -12.32
N PRO B 237 9.30 13.11 -11.55
CA PRO B 237 9.15 11.95 -10.65
C PRO B 237 9.02 10.63 -11.40
N LEU B 238 8.71 10.70 -12.69
CA LEU B 238 8.59 9.50 -13.52
C LEU B 238 9.74 9.38 -14.52
N ALA B 239 10.77 10.19 -14.33
CA ALA B 239 11.95 10.13 -15.18
C ALA B 239 12.76 8.87 -14.87
N PRO B 240 13.33 8.26 -15.92
CA PRO B 240 14.16 7.05 -15.78
C PRO B 240 15.32 7.26 -14.81
N GLU B 241 15.91 6.14 -14.35
CA GLU B 241 17.00 6.18 -13.39
C GLU B 241 18.19 7.01 -13.90
N GLY B 242 18.44 6.94 -15.20
CA GLY B 242 19.52 7.68 -15.80
C GLY B 242 19.16 9.12 -16.11
N ASP B 243 17.92 9.48 -15.80
CA ASP B 243 17.45 10.84 -16.04
C ASP B 243 17.28 11.61 -14.73
N ASN B 244 18.26 12.44 -14.41
CA ASN B 244 18.20 13.26 -13.20
C ASN B 244 18.14 14.75 -13.54
N ARG B 245 17.51 15.06 -14.68
CA ARG B 245 17.47 16.43 -15.18
C ARG B 245 16.62 17.34 -14.30
N VAL B 246 17.10 18.57 -14.14
CA VAL B 246 16.40 19.59 -13.36
C VAL B 246 15.79 20.64 -14.30
N TRP B 247 14.50 20.91 -14.13
CA TRP B 247 13.82 21.90 -14.94
C TRP B 247 13.57 23.16 -14.13
N TYR B 248 13.88 24.30 -14.75
CA TYR B 248 13.99 25.58 -14.04
C TYR B 248 13.27 26.70 -14.80
N MET B 249 12.38 27.42 -14.10
CA MET B 249 11.60 28.47 -14.73
C MET B 249 11.54 29.74 -13.87
N ASP B 250 12.14 30.81 -14.38
CA ASP B 250 12.22 32.09 -13.67
C ASP B 250 10.98 32.96 -13.89
N GLY B 251 10.41 33.49 -12.81
CA GLY B 251 9.30 34.41 -12.91
C GLY B 251 7.93 33.76 -12.86
N TYR B 252 6.89 34.59 -12.73
CA TYR B 252 5.52 34.10 -12.71
C TYR B 252 4.70 34.73 -13.84
N HIS B 253 5.37 35.51 -14.68
CA HIS B 253 4.74 36.11 -15.85
C HIS B 253 5.78 36.55 -16.87
N ASN B 254 5.33 36.72 -18.11
CA ASN B 254 6.16 37.23 -19.20
C ASN B 254 7.42 36.42 -19.43
N ASN B 255 7.29 35.10 -19.48
CA ASN B 255 8.43 34.24 -19.72
C ASN B 255 8.03 32.91 -20.36
N ARG B 256 8.68 32.58 -21.46
CA ARG B 256 8.40 31.36 -22.21
C ARG B 256 9.52 30.34 -22.07
N PHE B 257 10.62 30.75 -21.46
CA PHE B 257 11.85 29.95 -21.47
C PHE B 257 12.01 29.04 -20.26
N VAL B 258 12.20 27.76 -20.54
CA VAL B 258 12.43 26.75 -19.51
C VAL B 258 13.89 26.28 -19.56
N ARG B 259 14.56 26.30 -18.42
CA ARG B 259 15.95 25.84 -18.35
C ARG B 259 16.03 24.34 -18.09
N GLU B 260 16.89 23.66 -18.84
CA GLU B 260 17.09 22.23 -18.68
C GLU B 260 18.52 21.93 -18.24
N TYR B 261 18.68 21.51 -16.99
CA TYR B 261 19.98 21.09 -16.48
C TYR B 261 20.09 19.58 -16.59
N LYS B 262 21.29 19.09 -16.91
CA LYS B 262 21.48 17.66 -17.15
C LYS B 262 21.28 16.83 -15.89
N SER B 263 21.79 17.32 -14.76
CA SER B 263 21.67 16.58 -13.51
C SER B 263 21.46 17.51 -12.33
N MET B 264 21.38 16.92 -11.13
CA MET B 264 21.20 17.68 -9.90
C MET B 264 22.52 18.33 -9.48
N VAL B 265 23.61 17.59 -9.63
CA VAL B 265 24.94 18.09 -9.29
C VAL B 265 25.35 19.20 -10.25
N ASP B 266 24.98 19.03 -11.52
CA ASP B 266 25.27 20.03 -12.55
C ASP B 266 24.51 21.32 -12.26
N PHE B 267 23.32 21.19 -11.70
CA PHE B 267 22.47 22.34 -11.38
C PHE B 267 23.00 23.11 -10.18
N MET B 268 23.75 22.44 -9.32
CA MET B 268 24.28 23.07 -8.11
C MET B 268 25.56 23.84 -8.35
N ASN B 269 26.51 23.21 -9.03
CA ASN B 269 27.86 23.75 -9.15
C ASN B 269 28.08 24.56 -10.42
N THR B 270 27.27 24.32 -11.44
CA THR B 270 27.43 25.01 -12.72
C THR B 270 26.15 25.72 -13.15
N ASP B 271 26.21 26.39 -14.30
CA ASP B 271 25.03 27.01 -14.89
C ASP B 271 24.93 26.63 -16.35
N ASN B 272 25.35 25.41 -16.66
CA ASN B 272 25.26 24.87 -18.02
C ASN B 272 23.87 24.25 -18.25
N PHE B 273 23.02 24.97 -18.97
CA PHE B 273 21.65 24.49 -19.19
C PHE B 273 21.21 24.69 -20.64
N THR B 274 20.12 24.00 -21.00
CA THR B 274 19.53 24.14 -22.32
C THR B 274 18.21 24.90 -22.23
N SER B 275 18.05 25.92 -23.08
CA SER B 275 16.86 26.76 -23.04
C SER B 275 15.76 26.25 -23.98
N HIS B 276 14.61 25.95 -23.39
CA HIS B 276 13.43 25.57 -24.16
C HIS B 276 12.47 26.74 -24.28
N ARG B 277 12.03 27.05 -25.50
CA ARG B 277 11.07 28.14 -25.68
C ARG B 277 9.66 27.60 -25.86
N LEU B 278 8.83 27.75 -24.84
CA LEU B 278 7.45 27.29 -24.87
C LEU B 278 6.63 28.11 -25.87
N PRO B 279 5.65 27.47 -26.52
CA PRO B 279 4.78 28.13 -27.50
C PRO B 279 3.95 29.23 -26.85
N HIS B 280 3.64 29.07 -25.57
CA HIS B 280 2.91 30.09 -24.81
C HIS B 280 3.62 30.35 -23.49
N PRO B 281 3.58 31.61 -23.02
CA PRO B 281 4.13 31.92 -21.70
C PRO B 281 3.24 31.39 -20.59
N TRP B 282 3.83 30.97 -19.48
CA TRP B 282 3.05 30.46 -18.37
C TRP B 282 2.56 31.59 -17.47
N SER B 283 1.64 31.27 -16.57
CA SER B 283 1.19 32.21 -15.56
C SER B 283 1.32 31.56 -14.19
N GLY B 284 1.91 32.29 -13.24
CA GLY B 284 2.16 31.74 -11.93
C GLY B 284 3.38 30.84 -11.92
N THR B 285 3.61 30.16 -10.80
CA THR B 285 4.77 29.29 -10.66
C THR B 285 4.36 27.86 -10.36
N GLY B 286 3.14 27.49 -10.72
CA GLY B 286 2.61 26.18 -10.40
C GLY B 286 2.54 25.22 -11.58
N GLN B 287 3.68 24.97 -12.20
CA GLN B 287 3.76 24.01 -13.29
C GLN B 287 4.55 22.77 -12.87
N VAL B 288 4.33 21.66 -13.56
CA VAL B 288 5.04 20.43 -13.25
C VAL B 288 5.54 19.71 -14.49
N VAL B 289 6.69 19.05 -14.35
CA VAL B 289 7.19 18.16 -15.39
C VAL B 289 6.81 16.73 -15.01
N TYR B 290 5.89 16.15 -15.77
CA TYR B 290 5.37 14.83 -15.44
C TYR B 290 5.40 13.89 -16.64
N ASN B 291 6.23 12.85 -16.53
CA ASN B 291 6.38 11.83 -17.57
C ASN B 291 6.77 12.43 -18.93
N GLY B 292 7.82 13.24 -18.92
CA GLY B 292 8.38 13.79 -20.14
C GLY B 292 7.66 15.00 -20.68
N SER B 293 6.58 15.41 -20.02
CA SER B 293 5.80 16.55 -20.46
C SER B 293 5.68 17.61 -19.38
N ILE B 294 5.68 18.87 -19.78
CA ILE B 294 5.48 19.97 -18.84
C ILE B 294 4.02 20.44 -18.86
N TYR B 295 3.39 20.42 -17.70
CA TYR B 295 2.02 20.89 -17.56
C TYR B 295 2.03 22.28 -16.92
N PHE B 296 1.50 23.28 -17.62
CA PHE B 296 1.49 24.64 -17.08
C PHE B 296 0.21 25.38 -17.42
N ASN B 297 -0.02 26.48 -16.70
CA ASN B 297 -1.17 27.33 -16.93
C ASN B 297 -0.85 28.42 -17.95
N LYS B 298 -1.62 28.45 -19.03
CA LYS B 298 -1.43 29.45 -20.08
C LYS B 298 -1.62 30.85 -19.52
N PHE B 299 -0.76 31.78 -19.95
CA PHE B 299 -0.71 33.14 -19.41
C PHE B 299 -2.06 33.84 -19.37
N GLN B 300 -2.49 34.20 -18.17
CA GLN B 300 -3.76 34.89 -17.94
C GLN B 300 -4.94 34.17 -18.58
N SER B 301 -5.18 32.93 -18.16
CA SER B 301 -6.29 32.14 -18.67
C SER B 301 -6.57 30.95 -17.76
N HIS B 302 -7.70 30.28 -17.99
CA HIS B 302 -8.05 29.09 -17.23
C HIS B 302 -7.63 27.84 -18.01
N ILE B 303 -6.69 28.02 -18.94
CA ILE B 303 -6.28 26.96 -19.84
C ILE B 303 -5.03 26.22 -19.37
N ILE B 304 -5.16 24.90 -19.23
CA ILE B 304 -4.03 24.05 -18.87
C ILE B 304 -3.43 23.42 -20.12
N ILE B 305 -2.10 23.48 -20.25
CA ILE B 305 -1.42 22.98 -21.43
C ILE B 305 -0.48 21.82 -21.11
N ARG B 306 -0.58 20.75 -21.90
CA ARG B 306 0.39 19.66 -21.82
C ARG B 306 1.37 19.76 -22.99
N PHE B 307 2.65 19.93 -22.68
CA PHE B 307 3.66 20.14 -23.71
C PHE B 307 4.77 19.10 -23.63
N ASP B 308 4.88 18.27 -24.66
CA ASP B 308 5.94 17.27 -24.72
C ASP B 308 7.29 17.96 -24.94
N LEU B 309 8.25 17.67 -24.07
CA LEU B 309 9.53 18.37 -24.08
C LEU B 309 10.52 17.79 -25.08
N LYS B 310 10.27 16.57 -25.56
CA LYS B 310 11.17 15.95 -26.52
C LYS B 310 10.69 16.20 -27.96
N THR B 311 9.38 16.09 -28.15
CA THR B 311 8.78 16.32 -29.46
C THR B 311 8.62 17.82 -29.71
N GLU B 312 8.75 18.61 -28.64
CA GLU B 312 8.52 20.04 -28.68
C GLU B 312 7.14 20.34 -29.25
N THR B 313 6.13 19.66 -28.72
CA THR B 313 4.78 19.73 -29.26
C THR B 313 3.71 19.74 -28.18
N ILE B 314 2.72 20.62 -28.34
CA ILE B 314 1.55 20.61 -27.48
C ILE B 314 0.72 19.37 -27.76
N LEU B 315 0.45 18.58 -26.72
CA LEU B 315 -0.30 17.34 -26.89
C LEU B 315 -1.76 17.49 -26.52
N LYS B 316 -2.06 18.40 -25.59
CA LYS B 316 -3.43 18.62 -25.16
C LYS B 316 -3.64 20.02 -24.59
N THR B 317 -4.83 20.57 -24.80
CA THR B 317 -5.18 21.89 -24.30
C THR B 317 -6.59 21.88 -23.71
N ARG B 318 -6.71 22.21 -22.43
CA ARG B 318 -8.00 22.17 -21.75
C ARG B 318 -8.22 23.38 -20.85
N SER B 319 -9.42 23.93 -20.91
CA SER B 319 -9.81 25.06 -20.08
C SER B 319 -10.70 24.60 -18.92
N LEU B 320 -10.39 25.05 -17.71
CA LEU B 320 -11.19 24.72 -16.56
C LEU B 320 -12.52 25.48 -16.59
N ASP B 321 -12.48 26.71 -17.10
CA ASP B 321 -13.65 27.58 -17.19
C ASP B 321 -14.25 27.88 -15.82
N TYR B 322 -13.42 27.83 -14.78
CA TYR B 322 -13.85 28.19 -13.43
C TYR B 322 -12.72 28.88 -12.66
N SER B 337 -0.13 33.01 -8.90
CA SER B 337 -0.45 31.67 -9.37
C SER B 337 -1.88 31.28 -9.03
N ASP B 338 -2.79 31.50 -9.96
CA ASP B 338 -4.20 31.17 -9.76
C ASP B 338 -4.42 29.66 -9.83
N ILE B 339 -3.75 29.00 -10.77
CA ILE B 339 -3.88 27.56 -10.93
C ILE B 339 -2.56 26.85 -10.63
N ASP B 340 -2.58 25.98 -9.61
CA ASP B 340 -1.42 25.20 -9.24
C ASP B 340 -1.56 23.75 -9.70
N LEU B 341 -0.61 23.31 -10.52
CA LEU B 341 -0.56 21.92 -10.95
C LEU B 341 0.49 21.19 -10.13
N MET B 342 0.17 19.96 -9.71
CA MET B 342 1.10 19.19 -8.89
C MET B 342 0.87 17.69 -9.00
N VAL B 343 1.87 16.92 -8.61
CA VAL B 343 1.82 15.46 -8.73
C VAL B 343 2.26 14.77 -7.45
N ASP B 344 1.50 13.77 -7.03
CA ASP B 344 1.88 12.95 -5.89
C ASP B 344 1.93 11.47 -6.28
N GLU B 345 1.72 10.59 -5.31
CA GLU B 345 1.78 9.16 -5.56
C GLU B 345 0.64 8.68 -6.44
N ASN B 346 -0.42 9.48 -6.54
CA ASN B 346 -1.63 9.07 -7.22
C ASN B 346 -1.78 9.61 -8.65
N GLY B 347 -1.05 10.67 -8.97
CA GLY B 347 -1.09 11.22 -10.32
C GLY B 347 -1.10 12.73 -10.38
N LEU B 348 -1.75 13.28 -11.40
CA LEU B 348 -1.76 14.71 -11.65
C LEU B 348 -2.91 15.43 -10.93
N TRP B 349 -2.61 16.59 -10.37
CA TRP B 349 -3.62 17.37 -9.65
C TRP B 349 -3.67 18.82 -10.10
N ALA B 350 -4.80 19.48 -9.80
CA ALA B 350 -4.96 20.91 -10.09
C ALA B 350 -5.56 21.61 -8.88
N VAL B 351 -4.83 22.60 -8.37
CA VAL B 351 -5.29 23.35 -7.20
C VAL B 351 -5.58 24.81 -7.55
N TYR B 352 -6.82 25.23 -7.31
CA TYR B 352 -7.27 26.56 -7.70
C TYR B 352 -8.42 27.04 -6.82
N ALA B 353 -9.14 28.05 -7.28
CA ALA B 353 -10.29 28.57 -6.57
C ALA B 353 -11.41 28.93 -7.53
N THR B 354 -12.66 28.84 -7.05
CA THR B 354 -13.83 29.16 -7.86
C THR B 354 -14.77 30.11 -7.14
N ASN B 355 -15.69 30.71 -7.89
CA ASN B 355 -16.73 31.54 -7.31
C ASN B 355 -17.88 30.69 -6.80
N GLN B 356 -17.87 29.41 -7.18
CA GLN B 356 -18.78 28.43 -6.60
C GLN B 356 -18.52 28.36 -5.11
N ASN B 357 -17.25 28.16 -4.76
CA ASN B 357 -16.80 28.33 -3.38
C ASN B 357 -16.70 29.81 -3.07
N ALA B 358 -16.58 30.14 -1.79
CA ALA B 358 -16.44 31.53 -1.38
C ALA B 358 -14.98 31.99 -1.53
N GLY B 359 -14.41 31.75 -2.70
CA GLY B 359 -13.02 32.07 -2.95
C GLY B 359 -12.10 31.03 -2.33
N ASN B 360 -12.71 29.96 -1.83
CA ASN B 360 -11.98 28.89 -1.15
C ASN B 360 -11.29 27.95 -2.13
N ILE B 361 -10.15 27.41 -1.71
CA ILE B 361 -9.34 26.51 -2.53
C ILE B 361 -10.13 25.30 -3.05
N VAL B 362 -9.88 24.94 -4.30
CA VAL B 362 -10.55 23.80 -4.92
C VAL B 362 -9.55 22.81 -5.51
N ILE B 363 -9.73 21.53 -5.19
CA ILE B 363 -8.86 20.47 -5.71
C ILE B 363 -9.54 19.70 -6.83
N SER B 364 -8.78 19.37 -7.88
CA SER B 364 -9.31 18.58 -8.98
C SER B 364 -8.30 17.56 -9.49
N LYS B 365 -8.72 16.30 -9.57
CA LYS B 365 -7.88 15.22 -10.09
C LYS B 365 -7.92 15.21 -11.61
N LEU B 366 -6.74 15.26 -12.24
CA LEU B 366 -6.67 15.35 -13.69
C LEU B 366 -6.05 14.11 -14.33
N ASP B 367 -6.66 13.66 -15.43
CA ASP B 367 -6.05 12.64 -16.28
C ASP B 367 -4.89 13.27 -17.03
N PRO B 368 -3.66 12.77 -16.77
CA PRO B 368 -2.44 13.36 -17.33
C PRO B 368 -2.39 13.40 -18.86
N VAL B 369 -3.33 12.74 -19.52
CA VAL B 369 -3.35 12.72 -20.98
C VAL B 369 -4.46 13.60 -21.56
N SER B 370 -5.70 13.35 -21.13
CA SER B 370 -6.84 14.07 -21.66
C SER B 370 -7.11 15.37 -20.90
N LEU B 371 -6.46 15.53 -19.77
CA LEU B 371 -6.61 16.71 -18.92
C LEU B 371 -8.05 16.94 -18.47
N GLN B 372 -8.84 15.87 -18.47
CA GLN B 372 -10.21 15.93 -17.97
C GLN B 372 -10.22 15.87 -16.44
N ILE B 373 -11.12 16.64 -15.84
CA ILE B 373 -11.28 16.60 -14.40
C ILE B 373 -11.96 15.30 -13.98
N LEU B 374 -11.25 14.47 -13.23
CA LEU B 374 -11.76 13.17 -12.81
C LEU B 374 -12.65 13.31 -11.58
N GLN B 375 -12.23 14.13 -10.63
CA GLN B 375 -13.02 14.41 -9.44
C GLN B 375 -12.63 15.74 -8.82
N THR B 376 -13.61 16.44 -8.26
CA THR B 376 -13.39 17.78 -7.71
C THR B 376 -13.75 17.85 -6.23
N TRP B 377 -12.89 18.49 -5.44
CA TRP B 377 -13.15 18.66 -4.01
C TRP B 377 -13.28 20.14 -3.63
N ASN B 378 -14.28 20.43 -2.80
CA ASN B 378 -14.42 21.74 -2.18
C ASN B 378 -13.66 21.80 -0.87
N THR B 379 -12.84 22.84 -0.67
CA THR B 379 -12.18 23.04 0.61
C THR B 379 -12.76 24.27 1.30
N SER B 380 -12.44 24.43 2.57
CA SER B 380 -12.95 25.56 3.34
C SER B 380 -11.92 26.67 3.44
N TYR B 381 -10.68 26.37 3.02
CA TYR B 381 -9.58 27.33 3.13
C TYR B 381 -9.63 28.35 2.00
N PRO B 382 -9.81 29.63 2.34
CA PRO B 382 -9.82 30.72 1.34
C PRO B 382 -8.45 30.91 0.70
N LYS B 383 -8.43 31.02 -0.62
CA LYS B 383 -7.17 31.11 -1.36
C LYS B 383 -6.42 32.41 -1.08
N ARG B 384 -7.15 33.46 -0.74
CA ARG B 384 -6.56 34.76 -0.47
C ARG B 384 -5.60 34.70 0.72
N SER B 385 -6.02 33.99 1.77
CA SER B 385 -5.20 33.86 2.97
C SER B 385 -4.26 32.66 2.88
N ALA B 386 -4.24 32.01 1.71
CA ALA B 386 -3.43 30.81 1.52
C ALA B 386 -2.03 31.15 1.07
N GLY B 387 -1.04 30.53 1.72
CA GLY B 387 0.34 30.65 1.31
C GLY B 387 0.61 29.70 0.17
N GLU B 388 1.64 28.88 0.30
CA GLU B 388 1.92 27.84 -0.68
C GLU B 388 1.24 26.53 -0.28
N ALA B 389 1.01 25.67 -1.26
CA ALA B 389 0.33 24.41 -1.01
C ALA B 389 1.00 23.25 -1.74
N PHE B 390 0.78 22.04 -1.23
CA PHE B 390 1.33 20.84 -1.83
C PHE B 390 0.51 19.61 -1.44
N ILE B 391 0.44 18.63 -2.34
CA ILE B 391 -0.34 17.42 -2.10
C ILE B 391 0.56 16.23 -1.83
N ILE B 392 0.39 15.63 -0.65
CA ILE B 392 1.12 14.41 -0.29
C ILE B 392 0.14 13.28 0.00
N CYS B 393 0.24 12.21 -0.79
CA CYS B 393 -0.61 11.03 -0.63
C CYS B 393 -2.10 11.37 -0.64
N GLY B 394 -2.49 12.23 -1.57
CA GLY B 394 -3.88 12.58 -1.77
C GLY B 394 -4.43 13.61 -0.80
N THR B 395 -3.57 14.14 0.06
CA THR B 395 -4.00 15.14 1.02
C THR B 395 -3.33 16.48 0.78
N LEU B 396 -4.13 17.52 0.58
CA LEU B 396 -3.62 18.86 0.31
C LEU B 396 -3.22 19.58 1.59
N TYR B 397 -1.95 19.97 1.66
CA TYR B 397 -1.45 20.76 2.80
C TYR B 397 -1.32 22.22 2.42
N VAL B 398 -1.88 23.10 3.24
CA VAL B 398 -1.86 24.53 2.96
C VAL B 398 -1.08 25.28 4.04
N THR B 399 -0.12 26.10 3.61
CA THR B 399 0.68 26.91 4.54
C THR B 399 -0.04 28.22 4.89
N ASN B 400 0.44 28.88 5.93
CA ASN B 400 -0.22 30.08 6.44
C ASN B 400 0.00 31.31 5.54
N GLY B 401 1.22 31.46 5.04
CA GLY B 401 1.55 32.61 4.21
C GLY B 401 2.77 32.40 3.33
N TYR B 402 3.14 33.44 2.58
CA TYR B 402 4.28 33.38 1.69
C TYR B 402 5.54 33.92 2.37
N SER B 403 5.38 34.99 3.13
CA SER B 403 6.51 35.63 3.82
C SER B 403 6.40 35.45 5.33
N GLY B 404 7.47 35.84 6.04
CA GLY B 404 7.52 35.69 7.48
C GLY B 404 7.67 34.23 7.89
N GLY B 405 7.40 33.95 9.16
CA GLY B 405 7.44 32.58 9.65
C GLY B 405 6.34 31.75 9.01
N THR B 406 6.71 30.58 8.49
CA THR B 406 5.76 29.75 7.75
C THR B 406 5.52 28.40 8.41
N LYS B 407 4.26 27.97 8.43
CA LYS B 407 3.87 26.67 8.97
C LYS B 407 2.78 26.04 8.10
N VAL B 408 2.69 24.72 8.14
CA VAL B 408 1.57 24.02 7.53
C VAL B 408 0.45 23.84 8.56
N HIS B 409 -0.66 24.54 8.37
CA HIS B 409 -1.73 24.55 9.36
C HIS B 409 -3.08 24.11 8.82
N TYR B 410 -3.08 23.51 7.63
CA TYR B 410 -4.32 22.99 7.04
C TYR B 410 -4.04 21.74 6.22
N ALA B 411 -4.91 20.74 6.39
CA ALA B 411 -4.76 19.47 5.68
C ALA B 411 -6.11 18.92 5.24
N TYR B 412 -6.27 18.75 3.92
CA TYR B 412 -7.52 18.24 3.37
C TYR B 412 -7.34 16.86 2.74
N GLN B 413 -7.87 15.84 3.40
CA GLN B 413 -7.80 14.48 2.86
C GLN B 413 -8.88 14.29 1.80
N THR B 414 -8.45 14.01 0.57
CA THR B 414 -9.39 13.86 -0.55
C THR B 414 -10.10 12.51 -0.52
N ASN B 415 -9.46 11.51 0.07
CA ASN B 415 -10.05 10.17 0.16
C ASN B 415 -11.28 10.15 1.05
N ALA B 416 -11.31 11.03 2.05
CA ALA B 416 -12.41 11.07 3.00
C ALA B 416 -13.20 12.35 2.91
N SER B 417 -12.72 13.29 2.08
CA SER B 417 -13.32 14.61 1.94
C SER B 417 -13.44 15.32 3.28
N THR B 418 -12.40 15.19 4.10
CA THR B 418 -12.37 15.83 5.41
C THR B 418 -11.16 16.74 5.53
N TYR B 419 -11.27 17.74 6.39
CA TYR B 419 -10.16 18.65 6.66
C TYR B 419 -9.93 18.79 8.15
N GLU B 420 -8.70 19.07 8.55
CA GLU B 420 -8.40 19.33 9.95
C GLU B 420 -7.21 20.28 10.08
N TYR B 421 -7.15 20.97 11.21
CA TYR B 421 -6.13 22.00 11.42
C TYR B 421 -4.92 21.46 12.17
N ILE B 422 -3.76 21.50 11.52
CA ILE B 422 -2.53 20.99 12.10
C ILE B 422 -1.54 22.12 12.36
N ASP B 423 -0.29 21.74 12.67
CA ASP B 423 0.74 22.72 12.96
C ASP B 423 2.14 22.11 12.77
N ILE B 424 2.61 22.12 11.52
CA ILE B 424 3.92 21.56 11.21
C ILE B 424 4.86 22.66 10.71
N PRO B 425 5.71 23.18 11.62
CA PRO B 425 6.60 24.30 11.31
C PRO B 425 7.79 23.91 10.46
N PHE B 426 8.22 24.85 9.62
CA PHE B 426 9.43 24.69 8.82
C PHE B 426 10.04 26.07 8.62
N GLN B 427 11.34 26.19 8.90
CA GLN B 427 11.98 27.50 8.89
C GLN B 427 12.02 28.10 7.48
N ASN B 428 11.57 29.35 7.39
CA ASN B 428 11.68 30.08 6.14
C ASN B 428 13.06 30.72 6.07
N LYS B 429 14.01 29.99 5.50
CA LYS B 429 15.43 30.37 5.48
C LYS B 429 15.64 31.78 4.94
N TYR B 430 14.75 32.22 4.05
CA TYR B 430 14.81 33.56 3.50
C TYR B 430 13.46 34.25 3.68
N SER B 431 13.33 35.46 3.17
CA SER B 431 12.15 36.27 3.46
C SER B 431 10.86 35.77 2.82
N HIS B 432 10.95 35.31 1.57
CA HIS B 432 9.74 35.01 0.80
C HIS B 432 9.79 33.67 0.09
N ILE B 433 8.70 32.91 0.18
CA ILE B 433 8.56 31.65 -0.54
C ILE B 433 7.49 31.78 -1.63
N SER B 434 7.91 31.62 -2.89
CA SER B 434 7.00 31.79 -4.02
C SER B 434 6.56 30.45 -4.60
N MET B 435 7.28 29.39 -4.25
CA MET B 435 6.87 28.03 -4.65
C MET B 435 7.21 27.01 -3.58
N LEU B 436 6.32 26.05 -3.37
CA LEU B 436 6.58 24.93 -2.48
C LEU B 436 5.82 23.71 -3.00
N ASP B 437 6.54 22.79 -3.63
CA ASP B 437 5.91 21.64 -4.26
C ASP B 437 6.54 20.32 -3.82
N TYR B 438 5.70 19.29 -3.75
CA TYR B 438 6.13 17.97 -3.27
C TYR B 438 6.43 17.03 -4.42
N ASN B 439 7.57 16.34 -4.34
CA ASN B 439 7.94 15.33 -5.31
C ASN B 439 7.85 13.94 -4.68
N PRO B 440 6.92 13.10 -5.18
CA PRO B 440 6.64 11.79 -4.60
C PRO B 440 7.79 10.78 -4.78
N LYS B 441 8.68 11.05 -5.71
CA LYS B 441 9.81 10.16 -5.95
C LYS B 441 10.93 10.41 -4.96
N ASP B 442 11.20 11.68 -4.68
CA ASP B 442 12.29 12.05 -3.78
C ASP B 442 11.83 12.16 -2.34
N ARG B 443 10.51 12.19 -2.14
CA ARG B 443 9.91 12.37 -0.82
C ARG B 443 10.43 13.66 -0.20
N ALA B 444 10.49 14.71 -1.01
CA ALA B 444 11.05 15.98 -0.59
C ALA B 444 10.24 17.15 -1.12
N LEU B 445 10.39 18.31 -0.49
CA LEU B 445 9.70 19.52 -0.91
C LEU B 445 10.63 20.45 -1.69
N TYR B 446 10.28 20.69 -2.95
CA TYR B 446 11.02 21.65 -3.78
C TYR B 446 10.49 23.05 -3.51
N ALA B 447 11.40 23.99 -3.30
CA ALA B 447 11.00 25.35 -2.93
C ALA B 447 11.80 26.43 -3.64
N TRP B 448 11.10 27.46 -4.10
CA TRP B 448 11.74 28.68 -4.58
C TRP B 448 11.68 29.72 -3.47
N ASN B 449 12.83 30.01 -2.86
CA ASN B 449 12.85 30.85 -1.67
C ASN B 449 13.55 32.18 -1.90
N ASN B 450 12.86 33.11 -2.54
CA ASN B 450 13.37 34.46 -2.77
C ASN B 450 14.74 34.47 -3.44
N GLY B 451 14.81 33.90 -4.64
CA GLY B 451 16.05 33.83 -5.39
C GLY B 451 16.92 32.66 -4.97
N HIS B 452 16.32 31.72 -4.23
CA HIS B 452 17.04 30.55 -3.77
C HIS B 452 16.27 29.26 -4.03
N GLN B 453 16.99 28.21 -4.41
CA GLN B 453 16.39 26.90 -4.61
C GLN B 453 16.72 26.02 -3.41
N THR B 454 15.70 25.67 -2.63
CA THR B 454 15.92 24.88 -1.42
C THR B 454 15.16 23.56 -1.44
N LEU B 455 15.67 22.58 -0.70
CA LEU B 455 15.03 21.26 -0.60
C LEU B 455 14.72 20.90 0.84
N TYR B 456 13.47 20.51 1.08
CA TYR B 456 13.05 20.07 2.41
C TYR B 456 12.84 18.55 2.42
N ASN B 457 13.47 17.87 3.38
CA ASN B 457 13.18 16.45 3.59
C ASN B 457 11.85 16.29 4.31
N VAL B 458 11.19 15.16 4.08
CA VAL B 458 9.83 14.94 4.57
C VAL B 458 9.66 13.57 5.25
N THR B 459 9.02 13.57 6.42
CA THR B 459 8.75 12.34 7.16
C THR B 459 7.25 12.04 7.21
N LEU B 460 6.87 10.79 6.99
CA LEU B 460 5.46 10.41 6.96
C LEU B 460 5.13 9.25 7.89
N PHE B 461 4.03 9.39 8.60
CA PHE B 461 3.56 8.37 9.55
C PHE B 461 2.07 8.16 9.35
N HIS B 462 1.67 6.95 8.96
CA HIS B 462 0.25 6.66 8.79
C HIS B 462 -0.02 5.19 8.45
N ALA B 463 -1.25 4.76 8.75
CA ALA B 463 -1.71 3.44 8.38
C ALA B 463 -3.23 3.43 8.26
N ALA B 464 -3.74 2.95 7.13
CA ALA B 464 -5.18 2.92 6.94
C ALA B 464 -5.61 1.87 5.91
C1 NAG C . 9.20 -18.72 -3.68
C2 NAG C . 10.04 -17.56 -3.17
C3 NAG C . 10.86 -16.96 -4.31
C4 NAG C . 11.65 -18.04 -5.03
C5 NAG C . 10.74 -19.18 -5.45
C6 NAG C . 11.48 -20.35 -6.06
C7 NAG C . 9.11 -16.43 -1.20
C8 NAG C . 8.21 -15.32 -0.73
N2 NAG C . 9.22 -16.54 -2.53
O3 NAG C . 11.73 -15.96 -3.79
O4 NAG C . 12.27 -17.50 -6.20
O5 NAG C . 10.04 -19.69 -4.30
O6 NAG C . 12.44 -20.88 -5.15
O7 NAG C . 9.67 -17.19 -0.43
C1 NAG C . 13.65 -17.16 -5.94
C2 NAG C . 14.54 -17.71 -7.05
C3 NAG C . 15.99 -17.31 -6.80
C4 NAG C . 16.11 -15.81 -6.59
C5 NAG C . 15.15 -15.35 -5.49
C6 NAG C . 15.13 -13.85 -5.31
C7 NAG C . 14.29 -19.79 -8.32
C8 NAG C . 14.18 -21.28 -8.27
N2 NAG C . 14.42 -19.15 -7.15
O3 NAG C . 16.79 -17.72 -7.91
O4 NAG C . 17.44 -15.47 -6.23
O5 NAG C . 13.81 -15.75 -5.82
O6 NAG C . 13.82 -13.38 -5.04
O7 NAG C . 14.25 -19.19 -9.40
C1 NAG D . -16.80 -13.60 -3.18
C2 NAG D . -17.53 -14.84 -3.68
C3 NAG D . -17.24 -15.07 -5.16
C4 NAG D . -17.53 -13.81 -5.97
C5 NAG D . -16.76 -12.64 -5.38
C6 NAG D . -17.04 -11.32 -6.05
C7 NAG D . -17.73 -16.34 -1.75
C8 NAG D . -17.22 -17.58 -1.08
N2 NAG D . -17.16 -16.01 -2.90
O3 NAG D . -18.03 -16.15 -5.65
O4 NAG D . -17.16 -14.01 -7.33
O5 NAG D . -17.13 -12.48 -4.00
O6 NAG D . -18.27 -10.76 -5.61
O7 NAG D . -18.63 -15.67 -1.26
C1 NAG D . -18.30 -13.72 -8.18
C2 NAG D . -17.82 -13.26 -9.55
C3 NAG D . -19.00 -12.86 -10.42
C4 NAG D . -20.02 -13.99 -10.47
C5 NAG D . -20.38 -14.45 -9.06
C6 NAG D . -21.30 -15.65 -9.04
C7 NAG D . -15.69 -12.12 -10.04
C8 NAG D . -14.85 -10.90 -9.80
N2 NAG D . -16.87 -12.15 -9.43
O3 NAG D . -18.55 -12.55 -11.73
O4 NAG D . -21.19 -13.55 -11.15
O5 NAG D . -19.20 -14.81 -8.34
O6 NAG D . -22.39 -15.46 -8.17
O7 NAG D . -15.32 -13.03 -10.77
C1 NAG E . 4.38 7.66 -19.27
C2 NAG E . 3.26 6.68 -18.98
C3 NAG E . 3.55 5.33 -19.63
C4 NAG E . 3.87 5.51 -21.11
C5 NAG E . 4.93 6.58 -21.32
C6 NAG E . 5.18 6.91 -22.76
C7 NAG E . 2.03 7.07 -16.88
C8 NAG E . 1.99 6.79 -15.40
N2 NAG E . 3.06 6.52 -17.55
O3 NAG E . 2.43 4.47 -19.46
O4 NAG E . 4.37 4.28 -21.66
O5 NAG E . 4.53 7.81 -20.67
O6 NAG E . 6.15 7.95 -22.90
O7 NAG E . 1.18 7.74 -17.45
C1 NAG E . 3.33 3.53 -22.31
C2 NAG E . 3.78 3.17 -23.73
C3 NAG E . 2.74 2.29 -24.41
C4 NAG E . 2.40 1.08 -23.55
C5 NAG E . 1.98 1.55 -22.15
C6 NAG E . 1.73 0.39 -21.20
C7 NAG E . 5.04 4.42 -25.41
C8 NAG E . 5.17 5.72 -26.15
N2 NAG E . 4.05 4.35 -24.52
O3 NAG E . 3.24 1.86 -25.67
O4 NAG E . 1.35 0.34 -24.14
O5 NAG E . 3.03 2.33 -21.58
O6 NAG E . 1.82 0.82 -19.85
O7 NAG E . 5.80 3.47 -25.64
C1 NAG F . -18.77 23.18 -4.10
C2 NAG F . -19.66 22.10 -4.72
C3 NAG F . -20.75 22.73 -5.59
C4 NAG F . -21.54 23.77 -4.81
C5 NAG F . -20.57 24.81 -4.27
C6 NAG F . -21.25 25.86 -3.42
C7 NAG F . -18.31 20.05 -4.98
C8 NAG F . -17.56 19.19 -5.95
N2 NAG F . -18.89 21.15 -5.50
O3 NAG F . -21.63 21.71 -6.07
O4 NAG F . -22.51 24.38 -5.63
O5 NAG F . -19.60 24.17 -3.43
O6 NAG F . -20.94 25.70 -2.04
O7 NAG F . -18.39 19.79 -3.78
C1 NAG F . -23.81 24.05 -5.13
C2 NAG F . -24.81 25.17 -5.44
C3 NAG F . -26.19 24.80 -4.90
C4 NAG F . -26.62 23.43 -5.40
C5 NAG F . -25.53 22.40 -5.09
C6 NAG F . -25.84 21.03 -5.65
C7 NAG F . -23.65 27.33 -5.56
C8 NAG F . -23.28 28.59 -4.82
N2 NAG F . -24.37 26.44 -4.87
O3 NAG F . -27.14 25.78 -5.29
O4 NAG F . -27.84 23.04 -4.78
O5 NAG F . -24.30 22.83 -5.66
O6 NAG F . -24.66 20.26 -5.78
O7 NAG F . -23.30 27.14 -6.72
C1 NAG G . 5.81 -10.87 26.52
C2 NAG G . 6.78 -11.63 27.43
C3 NAG G . 7.88 -10.69 27.92
C4 NAG G . 8.56 -10.00 26.74
C5 NAG G . 7.52 -9.31 25.86
C6 NAG G . 8.11 -8.71 24.60
C7 NAG G . 5.74 -13.52 28.59
C8 NAG G . 5.03 -13.97 29.82
N2 NAG G . 6.09 -12.23 28.55
O3 NAG G . 8.84 -11.42 28.66
O4 NAG G . 9.49 -9.03 27.21
O5 NAG G . 6.53 -10.26 25.43
O6 NAG G . 9.15 -9.53 24.09
O7 NAG G . 5.99 -14.28 27.65
C1 NAG H . 17.31 13.78 3.21
C2 NAG H . 18.53 14.55 2.71
C3 NAG H . 19.44 13.63 1.89
C4 NAG H . 19.78 12.38 2.68
C5 NAG H . 18.51 11.70 3.18
C6 NAG H . 18.77 10.52 4.08
C7 NAG H . 17.92 16.92 2.44
C8 NAG H . 17.50 17.99 1.48
N2 NAG H . 18.13 15.70 1.92
O3 NAG H . 20.62 14.32 1.53
O4 NAG H . 20.51 11.46 1.87
O5 NAG H . 17.74 12.64 3.96
O6 NAG H . 19.69 10.84 5.12
O7 NAG H . 18.07 17.14 3.64
C1 GOL I . 22.28 30.39 -21.71
O1 GOL I . 22.05 31.71 -21.28
C2 GOL I . 23.40 29.77 -20.89
O2 GOL I . 24.62 30.36 -21.26
C3 GOL I . 23.46 28.27 -21.15
O3 GOL I . 24.67 27.74 -20.63
C1 GOL J . 9.59 37.51 -15.14
O1 GOL J . 10.43 37.65 -16.27
C2 GOL J . 10.00 38.44 -14.02
O2 GOL J . 11.07 37.87 -13.30
C3 GOL J . 8.81 38.51 -13.08
O3 GOL J . 8.11 37.29 -13.23
C1 GOL K . 22.58 28.22 3.73
O1 GOL K . 23.07 29.47 3.31
C2 GOL K . 23.69 27.17 3.79
O2 GOL K . 24.64 27.38 2.76
C3 GOL K . 23.09 25.78 3.71
O3 GOL K . 23.71 25.00 2.73
CL CL L . -2.61 6.91 -1.78
#